data_1D0L
#
_entry.id   1D0L
#
_cell.length_a   58.395
_cell.length_b   67.785
_cell.length_c   97.735
_cell.angle_alpha   90.00
_cell.angle_beta   90.00
_cell.angle_gamma   90.00
#
_symmetry.space_group_name_H-M   'P 21 21 21'
#
loop_
_entity.id
_entity.type
_entity.pdbx_description
1 polymer '35KD SOLUBLE LYTIC TRANSGLYCOSYLASE'
2 non-polymer 'CALCIUM ION'
3 non-polymer 4-O-(4-O-SULFONYL-N-ACETYLGLUCOSAMININYL)-5-METHYLHYDROXY-L-PROLINE-TAURINE
4 water water
#
_entity_poly.entity_id   1
_entity_poly.type   'polypeptide(L)'
_entity_poly.pdbx_seq_one_letter_code
;MVEPQHNVMQMGGDFANNPNAQQFIDKMVNKHGFDRQQLQEILSQAKRLDSVLRLMDNQAPTTSVKPPSGPNGAWLRYRK
KFITPDNVQNGVVFWNQYEDALNRAWQVYGVPPEIIVGIIGVETRWGRVMGKTRILDALATLSFNYPRRAEYFSGELETF
LLMARDEQDDPLNLKGSFAGAMGYGQFMPSSYKQYAVDFSGDGHINLWDPVDAIGSVANYFKAHGWVKGDQVAVMANGQA
PGLPNGFKTKYSISQLAAAGLTPQQPLGNHQQASLLRLDVGTGYQYWYGLPNFYTITRYNHSTHYAMAVWQLGQAVALAR
VQ
;
_entity_poly.pdbx_strand_id   A
#
# COMPACT_ATOMS: atom_id res chain seq x y z
N MET A 1 29.10 13.79 32.01
CA MET A 1 28.05 12.74 31.98
C MET A 1 26.91 13.15 31.05
N VAL A 2 25.86 13.74 31.63
CA VAL A 2 24.70 14.17 30.86
C VAL A 2 24.91 15.54 30.22
N GLU A 3 24.69 15.60 28.90
CA GLU A 3 24.85 16.84 28.13
C GLU A 3 23.50 17.27 27.53
N PRO A 4 22.72 18.07 28.28
CA PRO A 4 21.42 18.53 27.81
C PRO A 4 21.50 19.40 26.54
N GLN A 5 22.45 20.33 26.53
CA GLN A 5 22.67 21.23 25.40
C GLN A 5 21.43 22.09 25.09
N HIS A 6 20.85 22.69 26.12
CA HIS A 6 19.68 23.55 25.95
C HIS A 6 20.00 24.71 25.00
N ASN A 7 21.22 25.22 25.07
CA ASN A 7 21.65 26.33 24.22
C ASN A 7 21.76 26.01 22.73
N VAL A 8 21.95 24.74 22.40
CA VAL A 8 22.03 24.31 21.00
C VAL A 8 20.60 24.24 20.48
N MET A 9 20.12 25.39 20.00
CA MET A 9 18.77 25.53 19.49
C MET A 9 18.68 25.46 17.98
N GLN A 10 19.82 25.52 17.29
CA GLN A 10 19.79 25.48 15.84
C GLN A 10 20.51 24.27 15.23
N MET A 11 19.73 23.48 14.49
CA MET A 11 20.24 22.28 13.82
C MET A 11 20.76 22.62 12.43
N GLY A 12 21.64 21.78 11.92
CA GLY A 12 22.18 21.98 10.58
C GLY A 12 21.43 21.11 9.59
N GLY A 13 22.02 20.90 8.43
CA GLY A 13 21.38 20.06 7.43
C GLY A 13 20.42 20.76 6.50
N ASP A 14 19.85 19.98 5.58
CA ASP A 14 18.92 20.48 4.58
C ASP A 14 17.68 21.18 5.09
N PHE A 15 17.27 20.87 6.32
CA PHE A 15 16.08 21.48 6.91
C PHE A 15 16.37 22.50 8.00
N ALA A 16 17.63 22.91 8.12
CA ALA A 16 18.09 23.86 9.13
C ALA A 16 17.21 25.09 9.35
N ASN A 17 16.96 25.84 8.28
CA ASN A 17 16.15 27.05 8.39
C ASN A 17 14.73 26.87 7.85
N ASN A 18 14.19 25.67 8.00
CA ASN A 18 12.84 25.37 7.53
C ASN A 18 11.88 25.59 8.69
N PRO A 19 10.95 26.56 8.55
CA PRO A 19 9.95 26.90 9.56
C PRO A 19 9.06 25.71 9.93
N ASN A 20 8.71 24.93 8.91
CA ASN A 20 7.86 23.74 9.07
C ASN A 20 8.54 22.70 9.93
N ALA A 21 9.85 22.52 9.73
CA ALA A 21 10.63 21.55 10.50
C ALA A 21 10.68 21.99 11.96
N GLN A 22 10.87 23.29 12.19
CA GLN A 22 10.93 23.84 13.54
C GLN A 22 9.60 23.72 14.26
N GLN A 23 8.51 23.97 13.55
CA GLN A 23 7.18 23.84 14.15
C GLN A 23 6.89 22.38 14.49
N PHE A 24 7.31 21.48 13.61
CA PHE A 24 7.11 20.05 13.81
C PHE A 24 7.84 19.57 15.08
N ILE A 25 9.08 20.03 15.26
CA ILE A 25 9.87 19.67 16.44
C ILE A 25 9.14 20.15 17.69
N ASP A 26 8.64 21.39 17.66
CA ASP A 26 7.90 21.95 18.80
C ASP A 26 6.69 21.09 19.15
N LYS A 27 6.00 20.60 18.12
CA LYS A 27 4.83 19.76 18.31
C LYS A 27 5.22 18.44 18.95
N MET A 28 6.29 17.81 18.45
CA MET A 28 6.72 16.52 19.00
C MET A 28 7.12 16.65 20.47
N VAL A 29 7.75 17.78 20.81
CA VAL A 29 8.17 18.02 22.20
C VAL A 29 6.94 18.17 23.11
N ASN A 30 6.09 19.13 22.77
CA ASN A 30 4.89 19.43 23.54
C ASN A 30 3.94 18.25 23.65
N LYS A 31 3.55 17.71 22.51
CA LYS A 31 2.60 16.61 22.44
C LYS A 31 3.10 15.24 22.91
N HIS A 32 4.34 14.88 22.56
CA HIS A 32 4.87 13.58 22.89
C HIS A 32 6.05 13.50 23.86
N GLY A 33 6.50 14.64 24.35
CA GLY A 33 7.60 14.65 25.29
C GLY A 33 8.96 14.35 24.69
N PHE A 34 9.11 14.59 23.38
CA PHE A 34 10.40 14.38 22.72
C PHE A 34 11.40 15.42 23.21
N ASP A 35 12.68 15.02 23.21
CA ASP A 35 13.78 15.90 23.62
C ASP A 35 14.10 16.72 22.36
N ARG A 36 13.94 18.04 22.43
CA ARG A 36 14.21 18.90 21.28
C ARG A 36 15.58 18.69 20.64
N GLN A 37 16.60 18.59 21.48
CA GLN A 37 17.97 18.38 20.98
C GLN A 37 18.14 17.04 20.27
N GLN A 38 17.56 15.98 20.82
CA GLN A 38 17.67 14.67 20.18
C GLN A 38 16.99 14.71 18.82
N LEU A 39 15.86 15.42 18.75
CA LEU A 39 15.11 15.55 17.51
C LEU A 39 15.89 16.38 16.49
N GLN A 40 16.56 17.42 16.96
CA GLN A 40 17.37 18.26 16.05
C GLN A 40 18.54 17.43 15.51
N GLU A 41 19.10 16.54 16.33
CA GLU A 41 20.21 15.70 15.89
C GLU A 41 19.75 14.77 14.78
N ILE A 42 18.55 14.21 14.95
CA ILE A 42 17.97 13.30 13.98
C ILE A 42 17.66 14.03 12.68
N LEU A 43 16.92 15.13 12.79
CA LEU A 43 16.53 15.89 11.60
C LEU A 43 17.66 16.64 10.92
N SER A 44 18.77 16.87 11.63
CA SER A 44 19.92 17.53 11.02
C SER A 44 20.56 16.58 10.01
N GLN A 45 20.31 15.28 10.19
CA GLN A 45 20.84 14.24 9.29
C GLN A 45 19.87 13.88 8.17
N ALA A 46 18.62 14.31 8.30
CA ALA A 46 17.60 14.04 7.30
C ALA A 46 17.93 14.83 6.04
N LYS A 47 17.71 14.20 4.89
CA LYS A 47 18.00 14.81 3.60
C LYS A 47 16.74 15.20 2.83
N ARG A 48 16.78 16.38 2.20
CA ARG A 48 15.66 16.85 1.38
C ARG A 48 15.91 16.21 0.01
N LEU A 49 15.11 15.21 -0.33
CA LEU A 49 15.27 14.50 -1.59
C LEU A 49 14.41 15.11 -2.69
N ASP A 50 15.04 15.86 -3.58
CA ASP A 50 14.30 16.50 -4.66
C ASP A 50 13.62 15.48 -5.56
N SER A 51 14.21 14.30 -5.70
CA SER A 51 13.64 13.24 -6.53
C SER A 51 12.28 12.81 -5.98
N VAL A 52 12.14 12.83 -4.65
CA VAL A 52 10.89 12.47 -4.00
C VAL A 52 9.82 13.53 -4.34
N LEU A 53 10.25 14.79 -4.37
CA LEU A 53 9.34 15.91 -4.67
C LEU A 53 8.90 15.87 -6.14
N ARG A 54 9.83 15.53 -7.03
CA ARG A 54 9.53 15.45 -8.45
C ARG A 54 8.59 14.29 -8.75
N LEU A 55 8.77 13.16 -8.07
CA LEU A 55 7.90 12.01 -8.29
C LEU A 55 6.48 12.28 -7.77
N MET A 56 6.40 12.95 -6.63
CA MET A 56 5.10 13.27 -6.03
C MET A 56 4.32 14.25 -6.92
N ASP A 57 5.05 15.02 -7.73
CA ASP A 57 4.44 15.96 -8.67
C ASP A 57 3.98 15.22 -9.94
N ASN A 58 4.80 14.28 -10.40
CA ASN A 58 4.49 13.49 -11.59
C ASN A 58 3.28 12.59 -11.37
N GLN A 59 3.04 12.22 -10.11
CA GLN A 59 1.92 11.37 -9.76
C GLN A 59 0.73 12.19 -9.25
N ALA A 60 0.84 13.51 -9.35
CA ALA A 60 -0.22 14.41 -8.92
C ALA A 60 -1.43 14.31 -9.85
N PRO A 61 -2.65 14.27 -9.28
CA PRO A 61 -3.90 14.19 -10.05
C PRO A 61 -4.11 15.35 -11.03
N GLY A 70 -5.89 5.09 -27.66
CA GLY A 70 -6.50 3.90 -27.04
C GLY A 70 -7.59 3.31 -27.92
N PRO A 71 -7.73 1.97 -27.95
CA PRO A 71 -6.90 1.01 -27.21
C PRO A 71 -5.45 0.89 -27.69
N ASN A 72 -4.52 1.02 -26.73
CA ASN A 72 -3.09 0.91 -27.01
C ASN A 72 -2.37 -0.13 -26.15
N GLY A 73 -3.14 -0.99 -25.49
CA GLY A 73 -2.59 -2.05 -24.64
C GLY A 73 -2.08 -1.66 -23.27
N ALA A 74 -2.62 -0.60 -22.69
CA ALA A 74 -2.21 -0.12 -21.37
C ALA A 74 -2.28 -1.18 -20.26
N TRP A 75 -3.39 -1.91 -20.18
CA TRP A 75 -3.53 -2.94 -19.17
C TRP A 75 -2.51 -4.06 -19.34
N LEU A 76 -2.30 -4.48 -20.60
CA LEU A 76 -1.34 -5.55 -20.90
C LEU A 76 0.08 -5.19 -20.48
N ARG A 77 0.47 -3.93 -20.66
CA ARG A 77 1.81 -3.49 -20.27
C ARG A 77 1.95 -3.50 -18.75
N TYR A 78 0.92 -3.07 -18.04
CA TYR A 78 0.96 -3.06 -16.58
C TYR A 78 0.97 -4.50 -16.07
N ARG A 79 0.09 -5.32 -16.64
CA ARG A 79 -0.06 -6.71 -16.25
C ARG A 79 1.22 -7.53 -16.40
N LYS A 80 1.92 -7.37 -17.53
CA LYS A 80 3.15 -8.14 -17.75
C LYS A 80 4.34 -7.76 -16.86
N LYS A 81 4.19 -6.71 -16.07
CA LYS A 81 5.23 -6.31 -15.15
C LYS A 81 5.16 -7.25 -13.94
N PHE A 82 3.95 -7.75 -13.65
CA PHE A 82 3.73 -8.63 -12.51
C PHE A 82 3.43 -10.10 -12.81
N ILE A 83 2.69 -10.36 -13.88
CA ILE A 83 2.32 -11.72 -14.22
C ILE A 83 3.20 -12.32 -15.32
N THR A 84 4.27 -12.96 -14.86
CA THR A 84 5.27 -13.59 -15.72
C THR A 84 5.61 -14.92 -15.06
N PRO A 85 6.22 -15.86 -15.81
CA PRO A 85 6.59 -17.15 -15.22
C PRO A 85 7.44 -17.00 -13.96
N ASP A 86 8.46 -16.14 -14.03
CA ASP A 86 9.36 -15.92 -12.89
C ASP A 86 8.62 -15.42 -11.66
N ASN A 87 7.71 -14.48 -11.84
CA ASN A 87 6.95 -13.93 -10.73
C ASN A 87 5.98 -14.93 -10.12
N VAL A 88 5.23 -15.61 -10.98
CA VAL A 88 4.26 -16.59 -10.52
C VAL A 88 4.95 -17.74 -9.78
N GLN A 89 6.11 -18.15 -10.28
CA GLN A 89 6.88 -19.22 -9.65
C GLN A 89 7.38 -18.77 -8.27
N ASN A 90 7.86 -17.54 -8.17
CA ASN A 90 8.33 -17.01 -6.88
C ASN A 90 7.15 -16.86 -5.91
N GLY A 91 5.97 -16.60 -6.46
CA GLY A 91 4.78 -16.47 -5.65
C GLY A 91 4.38 -17.82 -5.07
N VAL A 92 4.54 -18.87 -5.89
CA VAL A 92 4.22 -20.23 -5.45
C VAL A 92 5.15 -20.60 -4.30
N VAL A 93 6.43 -20.27 -4.44
CA VAL A 93 7.41 -20.58 -3.42
C VAL A 93 7.08 -19.84 -2.11
N PHE A 94 6.66 -18.59 -2.21
CA PHE A 94 6.31 -17.80 -1.03
C PHE A 94 5.10 -18.39 -0.32
N TRP A 95 4.09 -18.74 -1.09
CA TRP A 95 2.86 -19.31 -0.56
C TRP A 95 3.14 -20.62 0.20
N ASN A 96 3.94 -21.49 -0.40
CA ASN A 96 4.28 -22.76 0.22
C ASN A 96 5.12 -22.58 1.46
N GLN A 97 6.03 -21.62 1.41
CA GLN A 97 6.92 -21.34 2.55
C GLN A 97 6.15 -20.82 3.75
N TYR A 98 5.10 -20.04 3.51
CA TYR A 98 4.30 -19.46 4.59
C TYR A 98 2.85 -19.91 4.53
N GLU A 99 2.62 -21.13 4.07
CA GLU A 99 1.26 -21.65 3.96
C GLU A 99 0.49 -21.64 5.27
N ASP A 100 1.14 -22.02 6.35
CA ASP A 100 0.48 -22.04 7.65
C ASP A 100 0.03 -20.64 8.08
N ALA A 101 0.90 -19.65 7.92
CA ALA A 101 0.58 -18.27 8.28
C ALA A 101 -0.58 -17.75 7.40
N LEU A 102 -0.55 -18.10 6.11
CA LEU A 102 -1.59 -17.68 5.18
C LEU A 102 -2.94 -18.31 5.53
N ASN A 103 -2.93 -19.60 5.86
CA ASN A 103 -4.16 -20.29 6.23
C ASN A 103 -4.73 -19.73 7.53
N ARG A 104 -3.85 -19.37 8.45
CA ARG A 104 -4.25 -18.80 9.73
C ARG A 104 -4.85 -17.41 9.53
N ALA A 105 -4.28 -16.64 8.60
CA ALA A 105 -4.79 -15.30 8.30
C ALA A 105 -6.19 -15.43 7.72
N TRP A 106 -6.38 -16.45 6.90
CA TRP A 106 -7.66 -16.74 6.27
C TRP A 106 -8.70 -17.07 7.37
N GLN A 107 -8.32 -17.92 8.32
CA GLN A 107 -9.22 -18.30 9.41
C GLN A 107 -9.57 -17.14 10.34
N VAL A 108 -8.56 -16.34 10.68
CA VAL A 108 -8.76 -15.21 11.59
C VAL A 108 -9.44 -14.00 10.97
N TYR A 109 -9.01 -13.62 9.76
CA TYR A 109 -9.55 -12.43 9.11
C TYR A 109 -10.47 -12.66 7.91
N GLY A 110 -10.52 -13.88 7.40
CA GLY A 110 -11.38 -14.16 6.26
C GLY A 110 -10.85 -13.68 4.92
N VAL A 111 -9.57 -13.30 4.89
CA VAL A 111 -8.93 -12.83 3.66
C VAL A 111 -8.13 -14.02 3.13
N PRO A 112 -8.43 -14.47 1.90
CA PRO A 112 -7.76 -15.62 1.26
C PRO A 112 -6.29 -15.43 0.90
N PRO A 113 -5.52 -16.52 0.91
CA PRO A 113 -4.09 -16.49 0.60
C PRO A 113 -3.73 -15.85 -0.73
N GLU A 114 -4.55 -16.03 -1.76
CA GLU A 114 -4.23 -15.44 -3.06
C GLU A 114 -4.20 -13.92 -3.02
N ILE A 115 -5.06 -13.33 -2.20
CA ILE A 115 -5.09 -11.89 -2.06
C ILE A 115 -3.85 -11.40 -1.33
N ILE A 116 -3.49 -12.06 -0.23
CA ILE A 116 -2.31 -11.66 0.54
C ILE A 116 -1.04 -11.87 -0.28
N VAL A 117 -0.96 -13.01 -0.96
CA VAL A 117 0.19 -13.35 -1.81
C VAL A 117 0.28 -12.35 -2.97
N GLY A 118 -0.86 -11.99 -3.54
CA GLY A 118 -0.88 -11.03 -4.64
C GLY A 118 -0.43 -9.65 -4.18
N ILE A 119 -0.90 -9.21 -3.02
CA ILE A 119 -0.53 -7.90 -2.47
C ILE A 119 0.99 -7.83 -2.25
N ILE A 120 1.53 -8.80 -1.52
CA ILE A 120 2.96 -8.82 -1.22
C ILE A 120 3.81 -9.00 -2.48
N GLY A 121 3.26 -9.67 -3.50
CA GLY A 121 3.97 -9.85 -4.74
C GLY A 121 4.07 -8.56 -5.54
N VAL A 122 2.95 -7.86 -5.67
CA VAL A 122 2.92 -6.60 -6.41
C VAL A 122 3.72 -5.53 -5.66
N GLU A 123 3.64 -5.54 -4.34
CA GLU A 123 4.34 -4.55 -3.53
C GLU A 123 5.85 -4.66 -3.48
N THR A 124 6.36 -5.86 -3.19
CA THR A 124 7.80 -6.04 -3.06
C THR A 124 8.37 -7.30 -3.68
N ARG A 125 7.58 -7.98 -4.51
CA ARG A 125 8.00 -9.26 -5.11
C ARG A 125 8.41 -10.20 -3.98
N TRP A 126 7.58 -10.23 -2.94
CA TRP A 126 7.81 -11.10 -1.78
C TRP A 126 9.11 -10.82 -1.04
N GLY A 127 9.35 -9.55 -0.74
CA GLY A 127 10.53 -9.15 0.01
C GLY A 127 11.79 -8.86 -0.78
N ARG A 128 11.76 -9.04 -2.09
CA ARG A 128 12.94 -8.80 -2.94
C ARG A 128 13.16 -7.32 -3.24
N VAL A 129 12.10 -6.53 -3.22
CA VAL A 129 12.19 -5.10 -3.52
C VAL A 129 11.45 -4.31 -2.44
N MET A 130 12.12 -4.10 -1.31
CA MET A 130 11.56 -3.39 -0.16
C MET A 130 11.75 -1.88 -0.20
N GLY A 131 12.60 -1.39 -1.11
CA GLY A 131 12.85 0.04 -1.19
C GLY A 131 14.21 0.38 -0.62
N LYS A 132 14.82 1.46 -1.12
CA LYS A 132 16.16 1.86 -0.69
C LYS A 132 16.24 3.28 -0.12
N THR A 133 15.10 3.93 0.02
CA THR A 133 15.06 5.29 0.52
C THR A 133 14.86 5.30 2.03
N ARG A 134 15.67 6.07 2.76
CA ARG A 134 15.49 6.16 4.20
C ARG A 134 14.12 6.79 4.45
N ILE A 135 13.29 6.11 5.25
CA ILE A 135 11.95 6.58 5.57
C ILE A 135 11.97 8.00 6.11
N LEU A 136 12.96 8.31 6.94
CA LEU A 136 13.08 9.65 7.53
C LEU A 136 13.28 10.74 6.49
N ASP A 137 14.13 10.48 5.50
CA ASP A 137 14.41 11.43 4.44
C ASP A 137 13.16 11.70 3.63
N ALA A 138 12.47 10.63 3.26
CA ALA A 138 11.26 10.73 2.45
C ALA A 138 10.17 11.51 3.19
N LEU A 139 9.91 11.13 4.43
CA LEU A 139 8.89 11.79 5.23
C LEU A 139 9.21 13.23 5.61
N ALA A 140 10.48 13.52 5.90
CA ALA A 140 10.89 14.88 6.25
C ALA A 140 10.72 15.77 5.02
N THR A 141 11.18 15.27 3.87
CA THR A 141 11.09 15.99 2.61
C THR A 141 9.64 16.35 2.28
N LEU A 142 8.75 15.37 2.38
CA LEU A 142 7.32 15.57 2.07
C LEU A 142 6.56 16.37 3.12
N SER A 143 7.04 16.34 4.36
CA SER A 143 6.40 17.08 5.44
C SER A 143 6.81 18.55 5.44
N PHE A 144 8.08 18.80 5.16
CA PHE A 144 8.64 20.15 5.23
C PHE A 144 8.85 20.92 3.93
N ASN A 145 8.81 20.24 2.80
CA ASN A 145 9.04 20.91 1.51
C ASN A 145 8.03 20.53 0.44
N TYR A 146 6.83 20.14 0.86
CA TYR A 146 5.81 19.75 -0.09
C TYR A 146 4.44 20.15 0.45
N PRO A 147 4.11 21.45 0.33
CA PRO A 147 2.84 22.02 0.79
C PRO A 147 1.57 21.25 0.48
N ARG A 148 1.43 20.76 -0.75
CA ARG A 148 0.24 20.03 -1.17
C ARG A 148 -0.20 18.90 -0.25
N ARG A 149 0.75 18.10 0.22
CA ARG A 149 0.42 16.99 1.11
C ARG A 149 1.24 17.03 2.39
N ALA A 150 1.70 18.23 2.77
CA ALA A 150 2.51 18.42 3.96
C ALA A 150 1.83 17.96 5.26
N GLU A 151 0.54 18.21 5.41
CA GLU A 151 -0.16 17.82 6.63
C GLU A 151 -0.29 16.31 6.75
N TYR A 152 -0.59 15.65 5.63
CA TYR A 152 -0.70 14.20 5.61
C TYR A 152 0.64 13.57 5.97
N PHE A 153 1.70 13.99 5.29
CA PHE A 153 3.00 13.42 5.54
C PHE A 153 3.60 13.75 6.90
N SER A 154 3.21 14.89 7.47
CA SER A 154 3.69 15.29 8.78
C SER A 154 3.09 14.32 9.81
N GLY A 155 1.85 13.90 9.55
CA GLY A 155 1.20 12.95 10.43
C GLY A 155 1.94 11.62 10.34
N GLU A 156 2.35 11.26 9.13
CA GLU A 156 3.10 10.01 8.91
C GLU A 156 4.47 10.08 9.60
N LEU A 157 5.13 11.23 9.52
CA LEU A 157 6.46 11.41 10.13
C LEU A 157 6.32 11.32 11.65
N GLU A 158 5.28 11.94 12.19
CA GLU A 158 5.00 11.91 13.61
C GLU A 158 4.83 10.46 14.07
N THR A 159 4.00 9.70 13.35
CA THR A 159 3.77 8.30 13.68
C THR A 159 5.05 7.47 13.53
N PHE A 160 5.84 7.76 12.49
CA PHE A 160 7.09 7.04 12.27
C PHE A 160 8.08 7.21 13.43
N LEU A 161 8.24 8.45 13.91
CA LEU A 161 9.16 8.71 15.02
C LEU A 161 8.66 8.04 16.29
N LEU A 162 7.34 8.00 16.49
CA LEU A 162 6.76 7.34 17.65
C LEU A 162 7.02 5.84 17.56
N MET A 163 6.90 5.30 16.35
CA MET A 163 7.13 3.87 16.09
C MET A 163 8.57 3.51 16.40
N ALA A 164 9.49 4.33 15.90
CA ALA A 164 10.92 4.12 16.10
C ALA A 164 11.27 4.20 17.59
N ARG A 165 10.66 5.15 18.29
CA ARG A 165 10.92 5.31 19.71
C ARG A 165 10.42 4.07 20.47
N ASP A 166 9.20 3.64 20.17
CA ASP A 166 8.60 2.46 20.81
C ASP A 166 9.38 1.18 20.60
N GLU A 167 9.54 0.78 19.33
CA GLU A 167 10.26 -0.45 19.01
C GLU A 167 11.78 -0.27 19.09
N GLN A 168 12.21 0.86 19.62
CA GLN A 168 13.62 1.21 19.82
C GLN A 168 14.53 1.18 18.58
N ASP A 169 13.93 1.43 17.41
CA ASP A 169 14.68 1.46 16.15
C ASP A 169 15.37 2.80 15.95
N ASP A 170 16.49 2.79 15.23
CA ASP A 170 17.21 4.01 14.89
C ASP A 170 16.37 4.51 13.71
N PRO A 171 15.71 5.67 13.86
CA PRO A 171 14.88 6.20 12.77
C PRO A 171 15.60 6.38 11.45
N LEU A 172 16.93 6.49 11.50
CA LEU A 172 17.75 6.68 10.31
C LEU A 172 18.09 5.39 9.54
N ASN A 173 17.92 4.25 10.18
CA ASN A 173 18.26 2.98 9.54
C ASN A 173 17.17 2.35 8.66
N LEU A 174 15.91 2.65 8.96
CA LEU A 174 14.79 2.07 8.21
C LEU A 174 14.65 2.63 6.80
N LYS A 175 14.48 1.75 5.83
CA LYS A 175 14.35 2.16 4.44
C LYS A 175 13.07 1.63 3.81
N GLY A 176 12.64 2.30 2.75
CA GLY A 176 11.42 1.92 2.08
C GLY A 176 11.22 2.74 0.82
N SER A 177 9.96 3.02 0.50
CA SER A 177 9.63 3.75 -0.71
C SER A 177 9.84 5.26 -0.63
N PHE A 178 9.66 5.92 -1.79
CA PHE A 178 9.80 7.37 -1.88
C PHE A 178 8.72 8.09 -1.07
N ALA A 179 7.67 7.35 -0.70
CA ALA A 179 6.57 7.94 0.08
C ALA A 179 6.65 7.51 1.55
N GLY A 180 7.69 6.77 1.92
CA GLY A 180 7.83 6.31 3.30
C GLY A 180 7.13 5.00 3.63
N ALA A 181 6.78 4.20 2.62
CA ALA A 181 6.12 2.91 2.81
C ALA A 181 7.15 1.87 3.21
N MET A 182 6.77 0.93 4.07
CA MET A 182 7.71 -0.03 4.63
C MET A 182 7.38 -1.53 4.60
N GLY A 183 8.44 -2.32 4.47
CA GLY A 183 8.33 -3.77 4.53
C GLY A 183 7.72 -4.53 3.39
N TYR A 184 7.44 -5.81 3.67
CA TYR A 184 6.84 -6.72 2.68
C TYR A 184 5.59 -6.18 2.03
N GLY A 185 4.71 -5.58 2.84
CA GLY A 185 3.46 -5.04 2.32
C GLY A 185 3.44 -3.55 2.03
N GLN A 186 4.58 -2.89 2.22
CA GLN A 186 4.71 -1.45 1.98
C GLN A 186 3.64 -0.63 2.71
N PHE A 187 3.57 -0.83 4.03
CA PHE A 187 2.65 -0.13 4.89
C PHE A 187 3.17 1.28 5.19
N MET A 188 2.28 2.26 5.16
CA MET A 188 2.64 3.63 5.53
C MET A 188 2.64 3.61 7.06
N PRO A 189 3.35 4.55 7.73
CA PRO A 189 3.39 4.59 9.20
C PRO A 189 1.99 4.54 9.85
N SER A 190 1.04 5.29 9.32
CA SER A 190 -0.30 5.33 9.89
C SER A 190 -1.03 3.99 9.73
N SER A 191 -0.71 3.26 8.66
CA SER A 191 -1.31 1.95 8.44
C SER A 191 -0.71 0.97 9.45
N TYR A 192 0.58 1.12 9.74
CA TYR A 192 1.24 0.29 10.74
C TYR A 192 0.53 0.54 12.07
N LYS A 193 0.37 1.80 12.42
CA LYS A 193 -0.28 2.17 13.68
C LYS A 193 -1.71 1.64 13.82
N GLN A 194 -2.49 1.74 12.77
CA GLN A 194 -3.88 1.31 12.84
C GLN A 194 -4.17 -0.15 12.50
N TYR A 195 -3.39 -0.73 11.60
CA TYR A 195 -3.69 -2.09 11.13
C TYR A 195 -2.64 -3.19 11.28
N ALA A 196 -1.39 -2.85 11.54
CA ALA A 196 -0.36 -3.88 11.66
C ALA A 196 -0.58 -4.72 12.92
N VAL A 197 -0.32 -6.01 12.81
CA VAL A 197 -0.48 -6.95 13.93
C VAL A 197 0.76 -7.83 14.08
N ASP A 198 1.01 -8.24 15.33
CA ASP A 198 2.11 -9.13 15.63
C ASP A 198 1.61 -10.55 15.35
N PHE A 199 1.50 -10.91 14.07
CA PHE A 199 1.01 -12.22 13.68
C PHE A 199 1.96 -13.36 14.00
N SER A 200 3.25 -13.07 14.13
CA SER A 200 4.24 -14.11 14.44
C SER A 200 4.22 -14.45 15.93
N GLY A 201 3.67 -13.54 16.73
CA GLY A 201 3.56 -13.77 18.18
C GLY A 201 4.78 -13.57 19.06
N ASP A 202 5.80 -12.87 18.59
CA ASP A 202 7.00 -12.63 19.41
C ASP A 202 6.87 -11.36 20.27
N GLY A 203 5.71 -10.72 20.20
CA GLY A 203 5.46 -9.50 20.96
C GLY A 203 5.83 -8.22 20.24
N HIS A 204 6.36 -8.33 19.02
CA HIS A 204 6.77 -7.16 18.25
C HIS A 204 6.20 -7.11 16.84
N ILE A 205 5.72 -5.95 16.43
CA ILE A 205 5.17 -5.79 15.09
C ILE A 205 6.30 -5.33 14.16
N ASN A 206 6.74 -6.26 13.33
CA ASN A 206 7.84 -6.03 12.40
C ASN A 206 7.33 -6.14 10.98
N LEU A 207 7.30 -5.01 10.28
CA LEU A 207 6.84 -4.95 8.89
C LEU A 207 7.74 -5.71 7.92
N TRP A 208 8.96 -6.03 8.37
CA TRP A 208 9.93 -6.78 7.57
C TRP A 208 9.94 -8.27 7.91
N ASP A 209 9.02 -8.70 8.76
CA ASP A 209 8.87 -10.12 9.13
C ASP A 209 7.71 -10.58 8.23
N PRO A 210 7.97 -11.55 7.33
CA PRO A 210 6.90 -12.03 6.43
C PRO A 210 5.62 -12.49 7.12
N VAL A 211 5.73 -13.13 8.28
CA VAL A 211 4.54 -13.59 9.00
C VAL A 211 3.71 -12.41 9.53
N ASP A 212 4.37 -11.42 10.11
CA ASP A 212 3.68 -10.24 10.60
C ASP A 212 3.00 -9.51 9.44
N ALA A 213 3.73 -9.42 8.32
CA ALA A 213 3.22 -8.74 7.13
C ALA A 213 1.95 -9.44 6.62
N ILE A 214 1.97 -10.77 6.60
CA ILE A 214 0.79 -11.53 6.16
C ILE A 214 -0.44 -11.20 7.02
N GLY A 215 -0.28 -11.26 8.33
CA GLY A 215 -1.39 -10.95 9.22
C GLY A 215 -1.81 -9.49 9.10
N SER A 216 -0.83 -8.60 8.92
CA SER A 216 -1.12 -7.18 8.81
C SER A 216 -1.92 -6.86 7.56
N VAL A 217 -1.57 -7.49 6.43
CA VAL A 217 -2.30 -7.26 5.19
C VAL A 217 -3.73 -7.77 5.35
N ALA A 218 -3.89 -8.91 6.01
CA ALA A 218 -5.22 -9.49 6.23
C ALA A 218 -6.08 -8.57 7.10
N ASN A 219 -5.50 -8.08 8.19
CA ASN A 219 -6.23 -7.20 9.09
C ASN A 219 -6.61 -5.91 8.39
N TYR A 220 -5.72 -5.41 7.54
CA TYR A 220 -5.97 -4.18 6.79
C TYR A 220 -7.20 -4.40 5.92
N PHE A 221 -7.24 -5.55 5.23
CA PHE A 221 -8.35 -5.88 4.35
C PHE A 221 -9.68 -6.02 5.10
N LYS A 222 -9.66 -6.76 6.20
CA LYS A 222 -10.88 -6.93 6.98
C LYS A 222 -11.37 -5.58 7.49
N ALA A 223 -10.44 -4.75 7.94
CA ALA A 223 -10.79 -3.43 8.47
C ALA A 223 -11.39 -2.55 7.38
N HIS A 224 -10.99 -2.79 6.14
CA HIS A 224 -11.52 -2.00 5.02
C HIS A 224 -12.72 -2.62 4.31
N GLY A 225 -13.38 -3.57 4.95
CA GLY A 225 -14.58 -4.16 4.39
C GLY A 225 -14.56 -5.44 3.59
N TRP A 226 -13.45 -6.18 3.60
CA TRP A 226 -13.39 -7.42 2.84
C TRP A 226 -14.48 -8.40 3.29
N VAL A 227 -15.23 -8.93 2.32
CA VAL A 227 -16.29 -9.88 2.60
C VAL A 227 -15.78 -11.28 2.27
N LYS A 228 -15.64 -12.11 3.30
CA LYS A 228 -15.15 -13.48 3.13
C LYS A 228 -15.99 -14.28 2.12
N GLY A 229 -15.31 -14.92 1.17
CA GLY A 229 -15.96 -15.73 0.17
C GLY A 229 -16.63 -14.99 -0.98
N ASP A 230 -16.72 -13.68 -0.89
CA ASP A 230 -17.38 -12.89 -1.94
C ASP A 230 -16.48 -12.75 -3.16
N GLN A 231 -17.10 -12.62 -4.32
CA GLN A 231 -16.37 -12.46 -5.57
C GLN A 231 -15.70 -11.09 -5.60
N VAL A 232 -14.59 -10.98 -6.32
CA VAL A 232 -13.85 -9.73 -6.43
C VAL A 232 -14.32 -8.92 -7.64
N ALA A 233 -14.28 -9.56 -8.80
CA ALA A 233 -14.71 -8.92 -10.05
C ALA A 233 -15.11 -10.01 -11.04
N VAL A 234 -16.06 -9.71 -11.91
CA VAL A 234 -16.54 -10.68 -12.90
C VAL A 234 -16.45 -10.08 -14.28
N MET A 235 -15.77 -10.75 -15.19
CA MET A 235 -15.63 -10.23 -16.55
C MET A 235 -16.98 -10.23 -17.24
N ALA A 236 -17.19 -9.24 -18.10
CA ALA A 236 -18.45 -9.12 -18.81
C ALA A 236 -18.32 -9.47 -20.27
N ASN A 237 -19.44 -9.93 -20.82
CA ASN A 237 -19.55 -10.21 -22.25
C ASN A 237 -20.21 -8.92 -22.72
N GLY A 238 -19.83 -8.44 -23.89
CA GLY A 238 -20.42 -7.23 -24.39
C GLY A 238 -19.53 -6.02 -24.16
N GLN A 239 -20.00 -4.88 -24.64
CA GLN A 239 -19.28 -3.62 -24.53
C GLN A 239 -20.23 -2.56 -23.98
N ALA A 240 -19.68 -1.55 -23.32
CA ALA A 240 -20.47 -0.44 -22.78
C ALA A 240 -19.63 0.82 -22.99
N PRO A 241 -19.35 1.16 -24.27
CA PRO A 241 -18.55 2.33 -24.66
C PRO A 241 -18.98 3.70 -24.11
N GLY A 242 -20.27 3.95 -24.04
CA GLY A 242 -20.75 5.23 -23.54
C GLY A 242 -20.51 5.52 -22.07
N LEU A 243 -20.71 4.51 -21.23
CA LEU A 243 -20.58 4.65 -19.78
C LEU A 243 -19.20 4.95 -19.18
N PRO A 244 -19.13 5.93 -18.27
CA PRO A 244 -17.87 6.31 -17.61
C PRO A 244 -17.40 5.07 -16.83
N ASN A 245 -16.10 4.87 -16.70
CA ASN A 245 -15.59 3.69 -16.01
C ASN A 245 -14.52 4.01 -14.97
N GLY A 246 -14.13 3.01 -14.18
CA GLY A 246 -13.15 3.20 -13.14
C GLY A 246 -13.66 2.60 -11.85
N PHE A 247 -12.76 2.34 -10.90
CA PHE A 247 -13.15 1.74 -9.63
C PHE A 247 -14.12 2.55 -8.77
N LYS A 248 -14.24 3.84 -9.06
CA LYS A 248 -15.15 4.72 -8.31
C LYS A 248 -16.54 4.79 -8.93
N THR A 249 -16.74 4.20 -10.11
CA THR A 249 -18.05 4.25 -10.74
C THR A 249 -19.03 3.33 -10.03
N LYS A 250 -20.31 3.60 -10.23
CA LYS A 250 -21.34 2.80 -9.60
C LYS A 250 -22.59 2.74 -10.46
N TYR A 251 -22.99 1.52 -10.82
CA TYR A 251 -24.17 1.29 -11.65
C TYR A 251 -24.88 0.09 -11.11
N SER A 252 -26.20 0.06 -11.28
CA SER A 252 -26.99 -1.08 -10.85
C SER A 252 -26.75 -2.14 -11.93
N ILE A 253 -26.92 -3.41 -11.58
CA ILE A 253 -26.74 -4.49 -12.53
C ILE A 253 -27.70 -4.30 -13.69
N SER A 254 -28.89 -3.79 -13.39
CA SER A 254 -29.93 -3.52 -14.38
C SER A 254 -29.48 -2.48 -15.41
N GLN A 255 -28.79 -1.44 -14.96
CA GLN A 255 -28.30 -0.40 -15.86
C GLN A 255 -27.23 -0.95 -16.79
N LEU A 256 -26.33 -1.75 -16.24
CA LEU A 256 -25.24 -2.35 -17.02
C LEU A 256 -25.80 -3.29 -18.07
N ALA A 257 -26.86 -4.00 -17.72
CA ALA A 257 -27.51 -4.92 -18.65
C ALA A 257 -28.10 -4.12 -19.80
N ALA A 258 -28.72 -2.99 -19.47
CA ALA A 258 -29.31 -2.11 -20.47
C ALA A 258 -28.22 -1.54 -21.38
N ALA A 259 -27.02 -1.40 -20.84
CA ALA A 259 -25.89 -0.88 -21.61
C ALA A 259 -25.27 -1.95 -22.52
N GLY A 260 -25.77 -3.18 -22.43
CA GLY A 260 -25.29 -4.26 -23.27
C GLY A 260 -24.33 -5.28 -22.66
N LEU A 261 -24.20 -5.28 -21.34
CA LEU A 261 -23.30 -6.21 -20.67
C LEU A 261 -24.02 -7.34 -19.96
N THR A 262 -23.37 -8.49 -19.88
CA THR A 262 -23.90 -9.66 -19.17
C THR A 262 -22.71 -10.27 -18.43
N PRO A 263 -22.90 -10.67 -17.18
CA PRO A 263 -21.79 -11.27 -16.43
C PRO A 263 -21.44 -12.69 -16.89
N GLN A 264 -20.15 -12.99 -16.95
CA GLN A 264 -19.68 -14.32 -17.33
C GLN A 264 -19.86 -15.33 -16.21
N GLN A 265 -20.05 -14.82 -15.00
CA GLN A 265 -20.26 -15.64 -13.81
C GLN A 265 -21.43 -15.04 -13.04
N PRO A 266 -22.19 -15.87 -12.31
CA PRO A 266 -23.34 -15.39 -11.53
C PRO A 266 -22.87 -14.35 -10.52
N LEU A 267 -23.67 -13.29 -10.36
CA LEU A 267 -23.32 -12.22 -9.43
C LEU A 267 -23.98 -12.36 -8.06
N GLY A 268 -24.68 -13.47 -7.84
CA GLY A 268 -25.34 -13.71 -6.56
C GLY A 268 -26.40 -12.67 -6.23
N ASN A 269 -26.29 -12.07 -5.06
CA ASN A 269 -27.26 -11.06 -4.61
C ASN A 269 -26.82 -9.62 -4.90
N HIS A 270 -25.67 -9.45 -5.54
CA HIS A 270 -25.17 -8.11 -5.87
C HIS A 270 -26.13 -7.38 -6.79
N GLN A 271 -26.44 -6.14 -6.44
CA GLN A 271 -27.37 -5.34 -7.22
C GLN A 271 -26.68 -4.17 -7.92
N GLN A 272 -25.44 -3.89 -7.51
CA GLN A 272 -24.65 -2.83 -8.12
C GLN A 272 -23.21 -3.28 -8.32
N ALA A 273 -22.51 -2.54 -9.15
CA ALA A 273 -21.12 -2.86 -9.45
C ALA A 273 -20.49 -1.66 -10.12
N SER A 274 -19.17 -1.56 -10.05
CA SER A 274 -18.46 -0.49 -10.72
C SER A 274 -18.18 -1.05 -12.11
N LEU A 275 -17.98 -0.16 -13.09
CA LEU A 275 -17.67 -0.60 -14.43
C LEU A 275 -16.18 -0.41 -14.65
N LEU A 276 -15.46 -1.51 -14.82
CA LEU A 276 -14.03 -1.44 -15.04
C LEU A 276 -13.79 -1.72 -16.52
N ARG A 277 -12.87 -0.98 -17.13
CA ARG A 277 -12.55 -1.16 -18.53
C ARG A 277 -11.04 -1.26 -18.68
N LEU A 278 -10.57 -2.42 -19.13
CA LEU A 278 -9.15 -2.66 -19.32
C LEU A 278 -8.79 -2.61 -20.79
N ASP A 279 -7.75 -1.84 -21.09
CA ASP A 279 -7.24 -1.66 -22.44
C ASP A 279 -6.34 -2.85 -22.80
N VAL A 280 -6.87 -3.76 -23.61
CA VAL A 280 -6.11 -4.93 -24.02
C VAL A 280 -5.55 -4.87 -25.45
N GLY A 281 -5.29 -3.65 -25.94
CA GLY A 281 -4.72 -3.50 -27.27
C GLY A 281 -5.70 -3.62 -28.42
N THR A 282 -6.28 -4.80 -28.61
CA THR A 282 -7.24 -5.05 -29.68
C THR A 282 -8.58 -4.36 -29.39
N GLY A 283 -8.74 -3.90 -28.15
CA GLY A 283 -9.96 -3.24 -27.77
C GLY A 283 -10.05 -3.11 -26.25
N TYR A 284 -11.27 -3.12 -25.73
CA TYR A 284 -11.48 -2.99 -24.30
C TYR A 284 -12.13 -4.22 -23.70
N GLN A 285 -11.78 -4.48 -22.44
CA GLN A 285 -12.31 -5.61 -21.70
C GLN A 285 -13.10 -5.02 -20.53
N TYR A 286 -14.39 -5.33 -20.46
CA TYR A 286 -15.24 -4.81 -19.41
C TYR A 286 -15.46 -5.80 -18.27
N TRP A 287 -15.48 -5.27 -17.05
CA TRP A 287 -15.67 -6.09 -15.85
C TRP A 287 -16.65 -5.44 -14.89
N TYR A 288 -17.36 -6.28 -14.13
CA TYR A 288 -18.27 -5.85 -13.08
C TYR A 288 -17.36 -5.83 -11.84
N GLY A 289 -17.14 -4.65 -11.27
CA GLY A 289 -16.30 -4.55 -10.07
C GLY A 289 -17.21 -4.69 -8.86
N LEU A 290 -16.95 -5.69 -8.04
CA LEU A 290 -17.76 -5.92 -6.85
C LEU A 290 -17.11 -5.27 -5.62
N PRO A 291 -17.82 -5.22 -4.47
CA PRO A 291 -17.24 -4.60 -3.27
C PRO A 291 -15.79 -4.99 -2.92
N ASN A 292 -15.47 -6.28 -3.02
CA ASN A 292 -14.11 -6.74 -2.70
C ASN A 292 -13.04 -6.13 -3.62
N PHE A 293 -13.40 -5.81 -4.85
CA PHE A 293 -12.44 -5.17 -5.75
C PHE A 293 -12.14 -3.79 -5.18
N TYR A 294 -13.18 -3.07 -4.78
CA TYR A 294 -13.02 -1.73 -4.22
C TYR A 294 -12.14 -1.79 -2.97
N THR A 295 -12.32 -2.85 -2.17
CA THR A 295 -11.52 -3.03 -0.96
C THR A 295 -10.05 -3.13 -1.32
N ILE A 296 -9.73 -3.77 -2.45
CA ILE A 296 -8.34 -3.87 -2.85
C ILE A 296 -7.78 -2.47 -3.16
N THR A 297 -8.59 -1.62 -3.81
CA THR A 297 -8.15 -0.27 -4.14
C THR A 297 -7.95 0.58 -2.88
N ARG A 298 -8.45 0.13 -1.73
CA ARG A 298 -8.25 0.88 -0.49
C ARG A 298 -6.79 0.75 -0.03
N TYR A 299 -6.11 -0.28 -0.54
CA TYR A 299 -4.70 -0.52 -0.22
C TYR A 299 -3.83 0.41 -1.07
N ASN A 300 -4.24 0.59 -2.33
CA ASN A 300 -3.55 1.45 -3.30
C ASN A 300 -4.62 1.82 -4.31
N HIS A 301 -4.95 3.12 -4.33
CA HIS A 301 -6.02 3.68 -5.18
C HIS A 301 -5.80 3.61 -6.69
N SER A 302 -5.89 2.40 -7.25
CA SER A 302 -5.70 2.20 -8.68
C SER A 302 -6.40 0.94 -9.19
N THR A 303 -7.09 1.07 -10.31
CA THR A 303 -7.79 -0.06 -10.93
C THR A 303 -6.79 -1.11 -11.41
N HIS A 304 -5.75 -0.66 -12.11
CA HIS A 304 -4.71 -1.55 -12.60
C HIS A 304 -4.02 -2.27 -11.44
N TYR A 305 -3.73 -1.54 -10.37
CA TYR A 305 -3.08 -2.11 -9.20
C TYR A 305 -3.92 -3.27 -8.64
N ALA A 306 -5.20 -2.99 -8.38
CA ALA A 306 -6.10 -3.99 -7.81
C ALA A 306 -6.31 -5.20 -8.70
N MET A 307 -6.40 -4.97 -10.00
CA MET A 307 -6.61 -6.05 -10.95
C MET A 307 -5.35 -6.92 -11.03
N ALA A 308 -4.18 -6.30 -10.94
CA ALA A 308 -2.92 -7.03 -11.00
C ALA A 308 -2.75 -7.87 -9.72
N VAL A 309 -3.14 -7.31 -8.59
CA VAL A 309 -3.03 -8.02 -7.31
C VAL A 309 -3.90 -9.27 -7.34
N TRP A 310 -5.14 -9.10 -7.79
CA TRP A 310 -6.10 -10.20 -7.85
C TRP A 310 -5.69 -11.27 -8.87
N GLN A 311 -5.35 -10.85 -10.08
CA GLN A 311 -4.95 -11.80 -11.11
C GLN A 311 -3.63 -12.50 -10.80
N LEU A 312 -2.70 -11.78 -10.14
CA LEU A 312 -1.42 -12.40 -9.77
C LEU A 312 -1.69 -13.48 -8.73
N GLY A 313 -2.54 -13.15 -7.76
CA GLY A 313 -2.89 -14.11 -6.73
C GLY A 313 -3.56 -15.34 -7.32
N GLN A 314 -4.45 -15.13 -8.28
CA GLN A 314 -5.13 -16.26 -8.93
C GLN A 314 -4.16 -17.10 -9.74
N ALA A 315 -3.23 -16.45 -10.41
CA ALA A 315 -2.23 -17.14 -11.22
C ALA A 315 -1.37 -18.04 -10.33
N VAL A 316 -0.99 -17.53 -9.16
CA VAL A 316 -0.18 -18.29 -8.22
C VAL A 316 -0.98 -19.46 -7.66
N ALA A 317 -2.25 -19.22 -7.35
CA ALA A 317 -3.12 -20.27 -6.80
C ALA A 317 -3.22 -21.45 -7.77
N LEU A 318 -3.44 -21.15 -9.04
CA LEU A 318 -3.54 -22.17 -10.07
C LEU A 318 -2.20 -22.88 -10.29
N ALA A 319 -1.11 -22.13 -10.28
CA ALA A 319 0.22 -22.71 -10.48
C ALA A 319 0.61 -23.70 -9.38
N ARG A 320 0.00 -23.56 -8.21
CA ARG A 320 0.26 -24.45 -7.06
C ARG A 320 -0.39 -25.82 -7.22
N VAL A 321 -1.56 -25.83 -7.84
CA VAL A 321 -2.33 -27.05 -8.07
C VAL A 321 -1.56 -28.06 -8.93
N GLN A 322 -0.74 -27.53 -9.85
CA GLN A 322 0.06 -28.36 -10.75
C GLN A 322 1.03 -29.29 -10.02
#